data_6AL3
#
_entry.id   6AL3
#
_cell.length_a   126.900
_cell.length_b   126.900
_cell.length_c   64.880
_cell.angle_alpha   90.000
_cell.angle_beta   90.000
_cell.angle_gamma   120.000
#
_symmetry.space_group_name_H-M   'P 64'
#
loop_
_entity.id
_entity.type
_entity.pdbx_description
1 polymer 'Basic phospholipase A2 BP-II'
2 non-polymer 'SULFATE ION'
#
_entity_poly.entity_id   1
_entity_poly.type   'polypeptide(L)'
_entity_poly.pdbx_seq_one_letter_code
;SLVQLWKMIFQETGKEAAKNYGLYGCNCGVGRRGKPKDATDSCCYVHKCCYKKVTGCNPKMDSYSYSWKNKAIVCGEKNP
PCLKQVCECDKAVAICLRENLGTYNKKYTIYPKPFCKKADTC
;
_entity_poly.pdbx_strand_id   A,B,C,D
#
loop_
_chem_comp.id
_chem_comp.type
_chem_comp.name
_chem_comp.formula
SO4 non-polymer 'SULFATE ION' 'O4 S -2'
#
# COMPACT_ATOMS: atom_id res chain seq x y z
N SER A 1 -8.19 -3.64 -14.49
CA SER A 1 -7.84 -3.71 -13.09
C SER A 1 -6.33 -3.71 -12.91
N LEU A 2 -5.91 -3.68 -11.64
CA LEU A 2 -4.49 -3.52 -11.34
C LEU A 2 -3.66 -4.71 -11.84
N VAL A 3 -4.27 -5.90 -11.91
CA VAL A 3 -3.55 -7.03 -12.51
C VAL A 3 -3.32 -6.79 -14.00
N GLN A 4 -4.31 -6.21 -14.69
CA GLN A 4 -4.14 -5.90 -16.10
C GLN A 4 -3.00 -4.91 -16.32
N LEU A 5 -2.94 -3.88 -15.48
CA LEU A 5 -1.87 -2.90 -15.58
C LEU A 5 -0.50 -3.53 -15.32
N TRP A 6 -0.43 -4.44 -14.34
CA TRP A 6 0.83 -5.10 -14.04
C TRP A 6 1.32 -5.92 -15.23
N LYS A 7 0.41 -6.70 -15.83
CA LYS A 7 0.73 -7.35 -17.10
C LYS A 7 1.15 -6.32 -18.15
N MET A 8 0.31 -5.30 -18.35
CA MET A 8 0.58 -4.25 -19.34
C MET A 8 1.97 -3.67 -19.18
N ILE A 9 2.39 -3.42 -17.93
CA ILE A 9 3.72 -2.89 -17.70
C ILE A 9 4.78 -3.86 -18.18
N PHE A 10 4.64 -5.14 -17.82
CA PHE A 10 5.65 -6.13 -18.18
C PHE A 10 5.78 -6.29 -19.69
N GLN A 11 4.66 -6.19 -20.41
CA GLN A 11 4.71 -6.47 -21.84
C GLN A 11 5.47 -5.42 -22.64
N GLU A 12 5.58 -4.19 -22.13
CA GLU A 12 6.37 -3.18 -22.79
C GLU A 12 7.74 -2.99 -22.14
N THR A 13 7.89 -3.41 -20.89
CA THR A 13 9.14 -3.25 -20.15
C THR A 13 9.87 -4.56 -19.92
N GLY A 14 9.17 -5.69 -19.92
CA GLY A 14 9.81 -6.96 -19.69
C GLY A 14 10.19 -7.21 -18.25
N LYS A 15 9.83 -6.30 -17.35
CA LYS A 15 10.10 -6.46 -15.94
C LYS A 15 8.79 -6.72 -15.22
N GLU A 16 8.88 -7.53 -14.16
CA GLU A 16 7.73 -7.77 -13.32
C GLU A 16 7.28 -6.48 -12.68
N ALA A 17 6.04 -6.07 -12.99
CA ALA A 17 5.59 -4.71 -12.72
C ALA A 17 5.66 -4.36 -11.25
N ALA A 18 4.95 -5.11 -10.41
CA ALA A 18 4.95 -4.82 -8.98
C ALA A 18 6.33 -5.01 -8.36
N LYS A 19 7.13 -5.92 -8.90
CA LYS A 19 8.48 -6.13 -8.37
C LYS A 19 9.35 -4.89 -8.55
N ASN A 20 9.26 -4.25 -9.71
CA ASN A 20 10.17 -3.16 -10.06
C ASN A 20 9.56 -1.79 -9.86
N TYR A 21 8.26 -1.64 -10.05
CA TYR A 21 7.59 -0.34 -9.98
C TYR A 21 6.56 -0.27 -8.86
N GLY A 22 6.48 -1.29 -8.01
CA GLY A 22 5.48 -1.29 -6.96
C GLY A 22 5.76 -0.26 -5.89
N LEU A 23 7.04 0.06 -5.66
CA LEU A 23 7.42 1.09 -4.71
C LEU A 23 8.42 2.07 -5.31
N TYR A 24 8.48 2.17 -6.64
CA TYR A 24 9.51 3.01 -7.25
C TYR A 24 9.19 4.47 -7.03
N GLY A 25 10.23 5.25 -6.73
CA GLY A 25 10.09 6.69 -6.63
C GLY A 25 9.01 7.10 -5.65
N CYS A 26 8.32 8.19 -5.98
CA CYS A 26 7.30 8.76 -5.11
C CYS A 26 5.90 8.66 -5.66
N ASN A 27 5.72 8.21 -6.90
CA ASN A 27 4.39 8.05 -7.47
C ASN A 27 4.15 6.69 -8.10
N CYS A 28 5.15 5.82 -8.17
CA CYS A 28 4.97 4.52 -8.80
C CYS A 28 4.46 3.51 -7.79
N GLY A 29 3.37 2.84 -8.17
CA GLY A 29 2.85 1.76 -7.35
C GLY A 29 1.95 2.23 -6.24
N VAL A 30 1.93 1.48 -5.13
CA VAL A 30 1.04 1.81 -4.03
C VAL A 30 1.47 3.12 -3.38
N GLY A 31 0.54 3.74 -2.65
CA GLY A 31 0.83 4.99 -1.97
C GLY A 31 0.24 6.19 -2.67
N ARG A 32 0.69 7.37 -2.22
CA ARG A 32 0.20 8.65 -2.73
C ARG A 32 1.12 9.15 -3.85
N ARG A 33 1.25 10.47 -3.94
CA ARG A 33 2.02 11.22 -4.91
C ARG A 33 3.17 11.91 -4.20
N GLY A 34 4.10 12.43 -4.98
CA GLY A 34 5.16 13.28 -4.49
C GLY A 34 5.70 14.03 -5.67
N LYS A 35 6.60 14.95 -5.40
CA LYS A 35 7.34 15.55 -6.48
C LYS A 35 8.22 14.45 -7.08
N PRO A 36 8.10 14.16 -8.37
CA PRO A 36 8.80 13.00 -8.93
C PRO A 36 10.31 13.11 -8.82
N LYS A 37 10.94 11.93 -8.77
CA LYS A 37 12.39 11.82 -8.68
C LYS A 37 13.05 11.79 -10.04
N ASP A 38 12.43 11.12 -11.00
CA ASP A 38 12.98 11.00 -12.34
C ASP A 38 11.82 10.76 -13.29
N ALA A 39 12.14 10.58 -14.57
CA ALA A 39 11.08 10.43 -15.56
C ALA A 39 10.31 9.14 -15.36
N THR A 40 10.93 8.13 -14.76
CA THR A 40 10.20 6.92 -14.42
C THR A 40 9.10 7.22 -13.42
N ASP A 41 9.44 7.90 -12.32
CA ASP A 41 8.44 8.22 -11.32
C ASP A 41 7.42 9.22 -11.83
N SER A 42 7.83 10.15 -12.70
CA SER A 42 6.92 11.15 -13.22
C SER A 42 5.84 10.55 -14.12
N CYS A 43 6.14 9.46 -14.81
CA CYS A 43 5.08 8.91 -15.64
C CYS A 43 4.09 8.15 -14.79
N CYS A 44 4.52 7.67 -13.62
CA CYS A 44 3.57 7.24 -12.61
C CYS A 44 2.81 8.45 -12.07
N TYR A 45 3.44 9.63 -12.07
CA TYR A 45 2.74 10.85 -11.72
C TYR A 45 1.61 11.13 -12.70
N VAL A 46 1.87 10.99 -14.00
CA VAL A 46 0.82 11.24 -14.98
C VAL A 46 -0.29 10.21 -14.83
N HIS A 47 0.08 8.96 -14.53
CA HIS A 47 -0.91 7.89 -14.44
C HIS A 47 -1.92 8.17 -13.35
N LYS A 48 -1.44 8.54 -12.17
CA LYS A 48 -2.35 8.78 -11.05
C LYS A 48 -3.27 9.97 -11.32
N CYS A 49 -2.83 10.91 -12.15
CA CYS A 49 -3.61 12.11 -12.40
C CYS A 49 -4.68 11.89 -13.46
N CYS A 50 -4.41 11.06 -14.47
CA CYS A 50 -5.49 10.62 -15.34
C CYS A 50 -6.43 9.66 -14.61
N TYR A 51 -5.92 8.96 -13.59
CA TYR A 51 -6.76 8.07 -12.81
C TYR A 51 -7.80 8.83 -12.00
N LYS A 52 -7.52 10.10 -11.64
CA LYS A 52 -8.55 10.86 -10.95
C LYS A 52 -9.64 11.35 -11.90
N LYS A 53 -9.39 11.33 -13.21
CA LYS A 53 -10.42 11.72 -14.15
C LYS A 53 -11.33 10.55 -14.47
N VAL A 54 -11.27 9.50 -13.67
CA VAL A 54 -12.20 8.38 -13.79
C VAL A 54 -13.39 8.68 -12.92
N THR A 55 -14.51 8.15 -13.35
CA THR A 55 -15.82 8.59 -12.87
C THR A 55 -16.66 7.50 -12.27
N GLY A 56 -16.83 6.38 -12.96
CA GLY A 56 -17.78 5.38 -12.53
C GLY A 56 -17.21 3.98 -12.53
N CYS A 57 -16.34 3.69 -11.58
CA CYS A 57 -15.60 2.43 -11.58
C CYS A 57 -14.68 2.42 -10.38
N ASN A 58 -14.03 1.29 -10.17
CA ASN A 58 -12.91 1.15 -9.24
C ASN A 58 -11.74 0.58 -10.04
N PRO A 59 -10.82 1.42 -10.52
CA PRO A 59 -9.77 0.91 -11.42
C PRO A 59 -8.90 -0.16 -10.81
N LYS A 60 -8.62 -0.11 -9.49
CA LYS A 60 -7.79 -1.13 -8.88
C LYS A 60 -8.52 -2.46 -8.74
N MET A 61 -9.84 -2.46 -8.85
CA MET A 61 -10.60 -3.70 -8.70
C MET A 61 -11.37 -4.09 -9.94
N ASP A 62 -11.90 -3.12 -10.68
CA ASP A 62 -12.68 -3.40 -11.88
C ASP A 62 -11.78 -3.76 -13.05
N SER A 63 -12.04 -4.92 -13.67
CA SER A 63 -11.31 -5.34 -14.85
C SER A 63 -11.92 -4.72 -16.11
N TYR A 64 -11.15 -4.73 -17.19
CA TYR A 64 -11.60 -4.26 -18.50
C TYR A 64 -11.20 -5.28 -19.55
N SER A 65 -11.57 -5.00 -20.80
CA SER A 65 -11.28 -5.88 -21.93
C SER A 65 -10.28 -5.20 -22.83
N TYR A 66 -9.24 -5.93 -23.21
CA TYR A 66 -8.15 -5.42 -24.03
C TYR A 66 -7.38 -6.59 -24.57
N SER A 67 -6.54 -6.34 -25.58
CA SER A 67 -5.75 -7.39 -26.16
C SER A 67 -4.37 -6.86 -26.54
N TRP A 68 -3.48 -7.80 -26.81
CA TRP A 68 -2.07 -7.53 -27.06
C TRP A 68 -1.78 -7.93 -28.49
N LYS A 69 -1.82 -6.97 -29.40
CA LYS A 69 -1.72 -7.29 -30.83
C LYS A 69 -0.27 -7.37 -31.26
N ASN A 70 -0.01 -6.99 -32.51
CA ASN A 70 1.31 -7.04 -33.10
C ASN A 70 2.23 -6.08 -32.34
N LYS A 71 2.72 -6.53 -31.18
CA LYS A 71 3.51 -5.73 -30.25
C LYS A 71 2.87 -4.37 -29.96
N ALA A 72 1.56 -4.23 -30.16
CA ALA A 72 0.86 -2.97 -29.94
C ALA A 72 -0.32 -3.21 -29.02
N ILE A 73 -0.47 -2.35 -28.02
CA ILE A 73 -1.58 -2.46 -27.08
C ILE A 73 -2.80 -1.85 -27.74
N VAL A 74 -3.85 -2.65 -27.91
CA VAL A 74 -5.12 -2.17 -28.43
C VAL A 74 -6.17 -2.39 -27.35
N CYS A 75 -6.48 -1.34 -26.62
CA CYS A 75 -7.69 -1.33 -25.81
C CYS A 75 -8.93 -1.03 -26.65
N GLY A 76 -8.75 -0.65 -27.91
CA GLY A 76 -9.75 0.03 -28.69
C GLY A 76 -11.00 -0.71 -29.11
N GLU A 77 -11.25 -1.89 -28.56
CA GLU A 77 -12.57 -2.49 -28.74
C GLU A 77 -13.50 -1.94 -27.67
N LYS A 78 -14.77 -1.82 -28.03
CA LYS A 78 -15.73 -0.98 -27.31
C LYS A 78 -15.75 -1.28 -25.82
N ASN A 79 -15.42 -0.27 -25.02
CA ASN A 79 -15.38 -0.31 -23.57
C ASN A 79 -16.16 0.86 -22.99
N PRO A 80 -16.78 0.67 -21.82
CA PRO A 80 -17.46 1.78 -21.14
C PRO A 80 -16.50 2.91 -20.85
N PRO A 81 -17.01 4.15 -20.69
CA PRO A 81 -16.14 5.34 -20.65
C PRO A 81 -14.94 5.20 -19.73
N CYS A 82 -15.18 4.94 -18.44
CA CYS A 82 -14.08 4.74 -17.51
C CYS A 82 -13.18 3.60 -17.95
N LEU A 83 -13.75 2.39 -18.07
CA LEU A 83 -12.95 1.21 -18.37
C LEU A 83 -12.15 1.38 -19.65
N LYS A 84 -12.66 2.16 -20.60
CA LYS A 84 -11.83 2.56 -21.73
C LYS A 84 -10.68 3.44 -21.26
N GLN A 85 -10.96 4.42 -20.40
CA GLN A 85 -9.96 5.43 -20.09
C GLN A 85 -8.84 4.87 -19.21
N VAL A 86 -9.18 4.19 -18.11
CA VAL A 86 -8.16 3.60 -17.23
C VAL A 86 -7.24 2.68 -18.03
N CYS A 87 -7.81 1.89 -18.92
CA CYS A 87 -6.99 0.99 -19.72
C CYS A 87 -6.11 1.79 -20.67
N GLU A 88 -6.65 2.84 -21.28
CA GLU A 88 -5.81 3.77 -22.00
C GLU A 88 -4.83 4.46 -21.05
N CYS A 89 -5.29 4.76 -19.84
CA CYS A 89 -4.38 5.26 -18.80
C CYS A 89 -3.27 4.27 -18.54
N ASP A 90 -3.64 3.00 -18.37
CA ASP A 90 -2.64 1.96 -18.13
C ASP A 90 -1.71 1.79 -19.33
N LYS A 91 -2.26 1.80 -20.54
CA LYS A 91 -1.42 1.65 -21.72
C LYS A 91 -0.46 2.82 -21.86
N ALA A 92 -0.95 4.05 -21.63
CA ALA A 92 -0.06 5.20 -21.67
C ALA A 92 1.06 5.08 -20.65
N VAL A 93 0.74 4.61 -19.45
CA VAL A 93 1.80 4.46 -18.45
C VAL A 93 2.67 3.26 -18.78
N ALA A 94 2.12 2.27 -19.50
CA ALA A 94 2.95 1.18 -19.98
C ALA A 94 3.89 1.65 -21.08
N ILE A 95 3.41 2.55 -21.95
CA ILE A 95 4.21 2.98 -23.08
C ILE A 95 5.36 3.87 -22.63
N CYS A 96 5.06 4.86 -21.78
CA CYS A 96 6.13 5.75 -21.33
C CYS A 96 7.17 4.98 -20.54
N LEU A 97 6.73 3.95 -19.81
CA LEU A 97 7.64 3.13 -19.03
C LEU A 97 8.76 2.54 -19.88
N ARG A 98 8.44 2.16 -21.13
CA ARG A 98 9.47 1.67 -22.03
C ARG A 98 10.35 2.82 -22.52
N GLU A 99 9.78 4.02 -22.62
CA GLU A 99 10.51 5.18 -23.13
C GLU A 99 11.57 5.69 -22.15
N ASN A 100 11.44 5.39 -20.86
CA ASN A 100 12.41 5.86 -19.85
C ASN A 100 13.10 4.69 -19.16
N LEU A 101 13.19 3.54 -19.84
CA LEU A 101 13.83 2.37 -19.24
C LEU A 101 15.32 2.60 -18.99
N GLY A 102 15.99 3.34 -19.87
CA GLY A 102 17.39 3.66 -19.66
C GLY A 102 17.66 4.56 -18.48
N THR A 103 16.63 5.22 -17.94
CA THR A 103 16.74 6.12 -16.81
C THR A 103 16.51 5.43 -15.46
N TYR A 104 15.83 4.28 -15.48
CA TYR A 104 15.43 3.57 -14.26
C TYR A 104 16.56 3.43 -13.26
N ASN A 105 16.29 3.86 -12.02
CA ASN A 105 17.27 3.80 -10.94
C ASN A 105 17.00 2.55 -10.13
N LYS A 106 18.04 1.73 -9.93
CA LYS A 106 17.86 0.54 -9.13
C LYS A 106 17.80 0.85 -7.64
N LYS A 107 18.21 2.05 -7.23
CA LYS A 107 18.10 2.48 -5.85
C LYS A 107 16.71 3.02 -5.52
N TYR A 108 15.96 3.48 -6.51
CA TYR A 108 14.63 4.05 -6.28
C TYR A 108 13.53 2.99 -6.31
N THR A 109 13.88 1.71 -6.44
CA THR A 109 12.89 0.66 -6.69
C THR A 109 11.90 0.52 -5.55
N ILE A 110 12.36 0.66 -4.30
CA ILE A 110 11.52 0.74 -3.12
C ILE A 110 11.82 2.06 -2.47
N TYR A 111 10.90 3.02 -2.56
CA TYR A 111 11.32 4.33 -2.13
C TYR A 111 10.50 4.80 -0.94
N PRO A 112 11.15 5.46 0.05
CA PRO A 112 10.39 5.99 1.19
C PRO A 112 9.50 7.14 0.79
N LYS A 113 8.26 6.82 0.41
CA LYS A 113 7.34 7.85 -0.07
C LYS A 113 7.01 8.93 0.95
N PRO A 114 6.92 8.67 2.28
CA PRO A 114 6.57 9.77 3.20
C PRO A 114 7.54 10.94 3.15
N PHE A 115 8.81 10.71 2.78
CA PHE A 115 9.79 11.79 2.77
C PHE A 115 9.73 12.62 1.50
N CYS A 116 8.89 12.26 0.55
CA CYS A 116 8.84 13.00 -0.69
C CYS A 116 7.98 14.24 -0.54
N LYS A 117 8.38 15.29 -1.24
CA LYS A 117 7.63 16.54 -1.17
C LYS A 117 6.29 16.35 -1.85
N LYS A 118 5.26 16.99 -1.29
CA LYS A 118 3.91 16.78 -1.76
C LYS A 118 3.73 17.39 -3.16
N ALA A 119 3.15 16.60 -4.05
CA ALA A 119 2.96 17.03 -5.41
C ALA A 119 1.86 18.09 -5.49
N ASP A 120 1.93 18.92 -6.52
CA ASP A 120 0.94 19.96 -6.74
C ASP A 120 -0.37 19.30 -7.17
N THR A 121 -1.32 20.10 -7.64
CA THR A 121 -2.56 19.58 -8.18
C THR A 121 -2.41 19.41 -9.69
N CYS A 122 -2.88 18.27 -10.19
CA CYS A 122 -2.85 18.05 -11.63
C CYS A 122 -4.03 18.77 -12.28
N SER B 1 36.90 16.49 19.33
CA SER B 1 36.35 15.15 19.23
C SER B 1 34.85 15.19 18.94
N LEU B 2 34.26 14.02 18.71
CA LEU B 2 32.86 13.96 18.30
C LEU B 2 31.93 14.43 19.41
N VAL B 3 32.32 14.22 20.67
CA VAL B 3 31.55 14.78 21.78
C VAL B 3 31.68 16.30 21.79
N GLN B 4 32.88 16.81 21.50
CA GLN B 4 33.09 18.24 21.43
C GLN B 4 32.21 18.87 20.35
N LEU B 5 32.16 18.25 19.18
CA LEU B 5 31.32 18.75 18.10
C LEU B 5 29.85 18.73 18.48
N TRP B 6 29.41 17.67 19.16
CA TRP B 6 28.03 17.57 19.60
C TRP B 6 27.68 18.67 20.58
N LYS B 7 28.54 18.87 21.59
CA LYS B 7 28.38 20.02 22.48
C LYS B 7 28.40 21.32 21.68
N MET B 8 29.43 21.51 20.86
CA MET B 8 29.58 22.75 20.09
C MET B 8 28.30 23.14 19.36
N ILE B 9 27.63 22.16 18.76
CA ILE B 9 26.36 22.43 18.08
C ILE B 9 25.34 22.96 19.08
N PHE B 10 25.27 22.35 20.26
CA PHE B 10 24.30 22.74 21.26
C PHE B 10 24.44 24.21 21.64
N GLN B 11 25.66 24.72 21.64
CA GLN B 11 25.88 26.11 22.06
C GLN B 11 25.28 27.09 21.08
N GLU B 12 25.15 26.71 19.81
CA GLU B 12 24.53 27.58 18.82
C GLU B 12 23.12 27.19 18.44
N THR B 13 22.72 25.93 18.65
CA THR B 13 21.37 25.48 18.31
C THR B 13 20.51 25.12 19.51
N GLY B 14 21.10 24.70 20.62
CA GLY B 14 20.31 24.39 21.79
C GLY B 14 19.50 23.11 21.72
N LYS B 15 19.65 22.33 20.66
CA LYS B 15 18.96 21.06 20.52
C LYS B 15 19.95 19.92 20.74
N GLU B 16 19.45 18.82 21.28
CA GLU B 16 20.31 17.65 21.51
C GLU B 16 20.93 17.22 20.20
N ALA B 17 22.27 17.30 20.14
CA ALA B 17 22.99 17.22 18.87
C ALA B 17 22.73 15.89 18.16
N ALA B 18 23.07 14.78 18.81
CA ALA B 18 22.84 13.47 18.19
C ALA B 18 21.35 13.23 17.95
N LYS B 19 20.51 13.77 18.83
CA LYS B 19 19.07 13.63 18.65
C LYS B 19 18.59 14.34 17.40
N ASN B 20 19.14 15.52 17.12
CA ASN B 20 18.61 16.38 16.07
C ASN B 20 19.41 16.34 14.77
N TYR B 21 20.72 16.19 14.82
CA TYR B 21 21.53 16.21 13.61
C TYR B 21 22.30 14.92 13.40
N GLY B 22 22.07 13.90 14.23
CA GLY B 22 22.81 12.66 14.09
C GLY B 22 22.37 11.84 12.89
N LEU B 23 21.11 11.96 12.47
CA LEU B 23 20.61 11.27 11.29
C LEU B 23 19.85 12.18 10.34
N TYR B 24 20.06 13.50 10.45
CA TYR B 24 19.30 14.46 9.65
C TYR B 24 19.80 14.46 8.21
N GLY B 25 18.86 14.59 7.27
CA GLY B 25 19.20 14.81 5.86
C GLY B 25 20.12 13.74 5.30
N CYS B 26 21.01 14.18 4.41
CA CYS B 26 21.93 13.29 3.71
C CYS B 26 23.39 13.48 4.09
N ASN B 27 23.71 14.50 4.88
CA ASN B 27 25.08 14.70 5.35
C ASN B 27 25.16 14.96 6.84
N CYS B 28 24.05 15.11 7.55
CA CYS B 28 24.10 15.43 8.97
C CYS B 28 24.22 14.17 9.80
N GLY B 29 25.24 14.13 10.65
CA GLY B 29 25.44 13.05 11.57
C GLY B 29 26.20 11.90 10.94
N VAL B 30 25.95 10.69 11.43
CA VAL B 30 26.66 9.53 10.93
C VAL B 30 26.25 9.21 9.51
N GLY B 31 27.07 8.40 8.85
CA GLY B 31 26.85 8.01 7.48
C GLY B 31 27.79 8.74 6.54
N ARG B 32 27.51 8.59 5.26
CA ARG B 32 28.37 9.22 4.26
C ARG B 32 27.82 10.55 3.77
N ARG B 33 28.08 10.87 2.51
CA ARG B 33 27.67 12.13 1.93
C ARG B 33 26.59 11.90 0.88
N GLY B 34 25.91 12.98 0.53
CA GLY B 34 24.92 12.96 -0.53
C GLY B 34 24.66 14.38 -0.98
N LYS B 35 23.85 14.51 -2.00
CA LYS B 35 23.38 15.84 -2.41
C LYS B 35 22.53 16.41 -1.29
N PRO B 36 22.86 17.57 -0.73
CA PRO B 36 22.12 18.07 0.44
C PRO B 36 20.66 18.33 0.12
N LYS B 37 19.83 18.20 1.15
CA LYS B 37 18.39 18.43 1.01
C LYS B 37 18.02 19.88 1.21
N ASP B 38 18.68 20.53 2.16
CA ASP B 38 18.35 21.91 2.54
C ASP B 38 19.60 22.54 3.14
N ALA B 39 19.45 23.77 3.62
CA ALA B 39 20.59 24.52 4.13
C ALA B 39 21.14 23.92 5.42
N THR B 40 20.33 23.20 6.19
CA THR B 40 20.84 22.51 7.36
C THR B 40 21.82 21.41 6.96
N ASP B 41 21.39 20.54 6.05
CA ASP B 41 22.24 19.44 5.59
C ASP B 41 23.43 19.95 4.79
N SER B 42 23.29 21.08 4.10
CA SER B 42 24.39 21.59 3.29
C SER B 42 25.59 21.94 4.16
N CYS B 43 25.35 22.39 5.38
CA CYS B 43 26.46 22.69 6.26
C CYS B 43 27.05 21.43 6.87
N CYS B 44 26.22 20.39 6.99
CA CYS B 44 26.78 19.06 7.25
C CYS B 44 27.54 18.55 6.04
N TYR B 45 27.11 18.93 4.84
CA TYR B 45 27.92 18.65 3.65
C TYR B 45 29.25 19.39 3.72
N VAL B 46 29.21 20.66 4.13
CA VAL B 46 30.44 21.44 4.22
C VAL B 46 31.36 20.88 5.29
N HIS B 47 30.79 20.38 6.38
CA HIS B 47 31.61 19.90 7.50
C HIS B 47 32.48 18.73 7.09
N LYS B 48 31.90 17.73 6.42
CA LYS B 48 32.63 16.52 6.08
C LYS B 48 33.77 16.79 5.11
N CYS B 49 33.64 17.80 4.25
CA CYS B 49 34.65 18.05 3.23
C CYS B 49 35.80 18.90 3.72
N CYS B 50 35.57 19.83 4.63
CA CYS B 50 36.70 20.44 5.32
C CYS B 50 37.36 19.43 6.24
N TYR B 51 36.58 18.44 6.69
CA TYR B 51 37.12 17.37 7.54
C TYR B 51 38.10 16.49 6.78
N LYS B 52 37.95 16.38 5.48
CA LYS B 52 38.90 15.61 4.68
C LYS B 52 40.23 16.32 4.53
N LYS B 53 40.28 17.61 4.85
CA LYS B 53 41.49 18.41 4.76
C LYS B 53 42.33 18.36 6.04
N VAL B 54 42.06 17.41 6.93
CA VAL B 54 42.87 17.18 8.12
C VAL B 54 43.91 16.11 7.81
N THR B 55 45.05 16.19 8.49
CA THR B 55 46.23 15.40 8.10
C THR B 55 46.77 14.49 9.20
N GLY B 56 46.90 14.97 10.44
CA GLY B 56 47.57 14.17 11.45
C GLY B 56 46.79 14.04 12.75
N CYS B 57 45.74 13.22 12.73
CA CYS B 57 44.76 13.17 13.83
C CYS B 57 43.66 12.14 13.56
N ASN B 58 42.77 11.93 14.53
CA ASN B 58 41.53 11.21 14.31
C ASN B 58 40.38 12.11 14.75
N PRO B 59 39.75 12.84 13.83
CA PRO B 59 38.72 13.81 14.23
C PRO B 59 37.55 13.19 14.98
N LYS B 60 37.18 11.95 14.65
CA LYS B 60 36.08 11.31 15.35
C LYS B 60 36.46 10.90 16.76
N MET B 61 37.75 10.83 17.06
CA MET B 61 38.24 10.41 18.37
C MET B 61 39.12 11.45 19.06
N ASP B 62 39.91 12.21 18.31
CA ASP B 62 40.87 13.14 18.91
C ASP B 62 40.18 14.34 19.55
N SER B 63 40.47 14.56 20.82
CA SER B 63 39.99 15.74 21.52
C SER B 63 40.90 16.92 21.22
N TYR B 64 40.37 18.13 21.43
CA TYR B 64 41.13 19.36 21.25
C TYR B 64 40.85 20.27 22.44
N SER B 65 41.45 21.47 22.42
CA SER B 65 41.33 22.44 23.50
C SER B 65 40.51 23.63 23.03
N TYR B 66 39.52 24.02 23.84
CA TYR B 66 38.65 25.14 23.52
C TYR B 66 37.86 25.50 24.77
N SER B 67 37.23 26.67 24.73
CA SER B 67 36.42 27.17 25.83
C SER B 67 35.21 27.91 25.28
N TRP B 68 34.30 28.27 26.19
CA TRP B 68 33.00 28.85 25.87
C TRP B 68 32.98 30.31 26.35
N LYS B 69 33.23 31.25 25.44
CA LYS B 69 33.43 32.66 25.77
C LYS B 69 32.07 33.38 25.83
N ASN B 70 32.04 34.70 25.61
CA ASN B 70 30.79 35.45 25.65
C ASN B 70 29.99 35.05 24.41
N LYS B 71 29.39 33.86 24.50
CA LYS B 71 28.72 33.17 23.40
C LYS B 71 29.56 33.19 22.13
N ALA B 72 30.89 33.39 22.22
CA ALA B 72 31.76 33.42 21.06
C ALA B 72 32.71 32.23 21.15
N ILE B 73 32.79 31.48 20.08
CA ILE B 73 33.65 30.31 20.07
C ILE B 73 35.04 30.79 19.74
N VAL B 74 35.95 30.62 20.67
CA VAL B 74 37.35 30.92 20.45
C VAL B 74 38.08 29.58 20.55
N CYS B 75 38.32 28.97 19.41
CA CYS B 75 39.27 27.88 19.30
C CYS B 75 40.70 28.41 19.28
N GLY B 76 40.87 29.72 19.15
CA GLY B 76 42.10 30.36 18.74
C GLY B 76 43.24 30.30 19.74
N GLU B 77 43.11 29.49 20.78
CA GLU B 77 44.26 29.20 21.62
C GLU B 77 45.07 28.10 20.96
N LYS B 78 46.40 28.17 21.12
CA LYS B 78 47.29 27.39 20.27
C LYS B 78 46.96 25.90 20.31
N ASN B 79 46.52 25.37 19.18
CA ASN B 79 46.25 23.96 18.97
C ASN B 79 46.99 23.56 17.70
N PRO B 80 47.49 22.33 17.63
CA PRO B 80 48.21 21.91 16.44
C PRO B 80 47.34 22.05 15.21
N PRO B 81 47.96 22.22 14.03
CA PRO B 81 47.19 22.62 12.84
C PRO B 81 45.91 21.83 12.58
N CYS B 82 45.99 20.50 12.51
CA CYS B 82 44.76 19.72 12.31
C CYS B 82 43.74 20.00 13.40
N LEU B 83 44.08 19.67 14.64
CA LEU B 83 43.11 19.82 15.72
C LEU B 83 42.63 21.26 15.86
N LYS B 84 43.45 22.23 15.45
CA LYS B 84 42.94 23.58 15.27
C LYS B 84 41.88 23.59 14.17
N GLN B 85 42.14 22.89 13.07
CA GLN B 85 41.28 22.99 11.90
C GLN B 85 39.94 22.29 12.13
N VAL B 86 39.97 21.03 12.61
CA VAL B 86 38.73 20.31 12.88
C VAL B 86 37.82 21.11 13.79
N CYS B 87 38.40 21.74 14.82
CA CYS B 87 37.59 22.52 15.74
C CYS B 87 37.05 23.77 15.05
N GLU B 88 37.90 24.45 14.29
CA GLU B 88 37.41 25.53 13.43
C GLU B 88 36.42 24.96 12.42
N CYS B 89 36.70 23.76 11.90
CA CYS B 89 35.72 23.06 11.08
C CYS B 89 34.45 22.82 11.88
N ASP B 90 34.59 22.35 13.11
CA ASP B 90 33.43 22.17 13.97
C ASP B 90 32.78 23.50 14.29
N LYS B 91 33.59 24.52 14.62
CA LYS B 91 33.03 25.82 14.91
C LYS B 91 32.37 26.42 13.68
N ALA B 92 32.99 26.26 12.51
CA ALA B 92 32.36 26.74 11.28
C ALA B 92 31.03 26.04 11.05
N VAL B 93 30.96 24.74 11.30
CA VAL B 93 29.69 24.04 11.12
C VAL B 93 28.71 24.34 12.26
N ALA B 94 29.21 24.69 13.43
CA ALA B 94 28.31 25.09 14.51
C ALA B 94 27.64 26.43 14.20
N ILE B 95 28.37 27.33 13.53
CA ILE B 95 27.84 28.66 13.27
C ILE B 95 26.71 28.60 12.25
N CYS B 96 26.91 27.87 11.15
CA CYS B 96 25.90 27.85 10.09
C CYS B 96 24.60 27.20 10.57
N LEU B 97 24.70 26.16 11.39
CA LEU B 97 23.48 25.47 11.84
C LEU B 97 22.52 26.45 12.49
N ARG B 98 23.04 27.45 13.19
CA ARG B 98 22.18 28.50 13.73
C ARG B 98 21.68 29.43 12.62
N GLU B 99 22.47 29.61 11.56
CA GLU B 99 22.07 30.49 10.46
C GLU B 99 20.88 29.93 9.70
N ASN B 100 20.68 28.62 9.72
CA ASN B 100 19.58 27.99 9.02
C ASN B 100 18.68 27.20 9.97
N LEU B 101 18.66 27.57 11.25
CA LEU B 101 17.79 26.89 12.20
C LEU B 101 16.33 27.08 11.83
N GLY B 102 15.97 28.24 11.30
CA GLY B 102 14.63 28.46 10.78
C GLY B 102 14.33 27.61 9.56
N THR B 103 15.34 27.04 8.93
CA THR B 103 15.18 26.15 7.79
C THR B 103 15.06 24.69 8.19
N TYR B 104 15.59 24.34 9.37
CA TYR B 104 15.64 22.96 9.83
C TYR B 104 14.28 22.29 9.74
N ASN B 105 14.24 21.13 9.10
CA ASN B 105 13.00 20.39 8.88
C ASN B 105 12.85 19.32 9.95
N LYS B 106 11.67 19.25 10.57
CA LYS B 106 11.38 18.22 11.54
C LYS B 106 11.07 16.87 10.88
N LYS B 107 10.72 16.86 9.59
CA LYS B 107 10.49 15.61 8.88
C LYS B 107 11.77 14.95 8.38
N TYR B 108 12.84 15.73 8.22
CA TYR B 108 14.12 15.21 7.72
C TYR B 108 15.02 14.69 8.83
N THR B 109 14.58 14.72 10.09
CA THR B 109 15.47 14.47 11.20
C THR B 109 16.01 13.03 11.22
N ILE B 110 15.20 12.07 10.80
CA ILE B 110 15.65 10.69 10.63
C ILE B 110 15.50 10.38 9.14
N TYR B 111 16.62 10.38 8.43
CA TYR B 111 16.46 10.36 7.00
C TYR B 111 17.08 9.11 6.38
N PRO B 112 16.42 8.52 5.38
CA PRO B 112 17.02 7.38 4.70
C PRO B 112 18.21 7.80 3.86
N LYS B 113 19.40 7.73 4.44
CA LYS B 113 20.60 8.16 3.73
C LYS B 113 20.87 7.35 2.46
N PRO B 114 20.63 6.03 2.41
CA PRO B 114 20.92 5.30 1.17
C PRO B 114 20.13 5.80 -0.03
N PHE B 115 18.98 6.43 0.18
CA PHE B 115 18.17 6.86 -0.95
C PHE B 115 18.61 8.21 -1.51
N CYS B 116 19.63 8.83 -0.92
CA CYS B 116 20.17 10.09 -1.40
C CYS B 116 21.22 9.83 -2.49
N LYS B 117 21.31 10.76 -3.42
CA LYS B 117 22.25 10.67 -4.52
C LYS B 117 23.69 10.81 -4.03
N LYS B 118 24.61 10.14 -4.73
CA LYS B 118 26.01 10.16 -4.32
C LYS B 118 26.59 11.55 -4.50
N ALA B 119 27.25 12.05 -3.46
CA ALA B 119 27.77 13.41 -3.49
C ALA B 119 28.96 13.54 -4.42
N ASP B 120 29.16 14.73 -4.96
CA ASP B 120 30.27 14.98 -5.87
C ASP B 120 31.58 14.93 -5.11
N THR B 121 32.67 15.31 -5.78
CA THR B 121 33.97 15.41 -5.14
C THR B 121 34.21 16.86 -4.72
N CYS B 122 34.70 17.03 -3.51
CA CYS B 122 35.04 18.36 -3.04
C CYS B 122 36.40 18.77 -3.58
N SER C 1 15.39 -5.46 5.15
CA SER C 1 14.51 -4.51 4.47
C SER C 1 13.49 -5.25 3.61
N LEU C 2 12.51 -4.50 3.08
CA LEU C 2 11.39 -5.14 2.39
C LEU C 2 11.81 -5.78 1.07
N VAL C 3 12.85 -5.26 0.41
CA VAL C 3 13.32 -5.94 -0.80
C VAL C 3 13.80 -7.34 -0.46
N GLN C 4 14.46 -7.47 0.70
CA GLN C 4 14.88 -8.78 1.16
C GLN C 4 13.68 -9.70 1.35
N LEU C 5 12.60 -9.18 1.94
CA LEU C 5 11.39 -9.98 2.08
C LEU C 5 10.80 -10.33 0.72
N TRP C 6 10.78 -9.37 -0.20
CA TRP C 6 10.25 -9.62 -1.54
C TRP C 6 11.05 -10.68 -2.26
N LYS C 7 12.38 -10.56 -2.23
CA LYS C 7 13.24 -11.62 -2.72
C LYS C 7 12.97 -12.93 -1.98
N MET C 8 13.03 -12.89 -0.64
CA MET C 8 12.86 -14.09 0.18
C MET C 8 11.63 -14.90 -0.22
N ILE C 9 10.52 -14.21 -0.45
CA ILE C 9 9.29 -14.88 -0.88
C ILE C 9 9.51 -15.57 -2.22
N PHE C 10 10.17 -14.89 -3.14
CA PHE C 10 10.35 -15.40 -4.49
C PHE C 10 11.10 -16.73 -4.51
N GLN C 11 12.07 -16.89 -3.61
CA GLN C 11 12.84 -18.14 -3.60
C GLN C 11 12.03 -19.32 -3.11
N GLU C 12 10.98 -19.08 -2.34
CA GLU C 12 10.15 -20.17 -1.86
C GLU C 12 8.83 -20.31 -2.61
N THR C 13 8.33 -19.23 -3.24
CA THR C 13 7.11 -19.31 -4.02
C THR C 13 7.31 -19.12 -5.51
N GLY C 14 8.32 -18.36 -5.91
CA GLY C 14 8.56 -18.13 -7.32
C GLY C 14 7.62 -17.19 -8.03
N LYS C 15 6.72 -16.54 -7.31
CA LYS C 15 5.83 -15.56 -7.87
C LYS C 15 6.29 -14.20 -7.40
N GLU C 16 6.07 -13.18 -8.24
CA GLU C 16 6.46 -11.83 -7.87
C GLU C 16 5.72 -11.40 -6.61
N ALA C 17 6.49 -11.12 -5.56
CA ALA C 17 5.92 -10.94 -4.24
C ALA C 17 4.90 -9.82 -4.24
N ALA C 18 5.32 -8.61 -4.63
CA ALA C 18 4.39 -7.49 -4.67
C ALA C 18 3.26 -7.73 -5.65
N LYS C 19 3.53 -8.46 -6.74
CA LYS C 19 2.47 -8.76 -7.70
C LYS C 19 1.43 -9.69 -7.11
N ASN C 20 1.86 -10.69 -6.35
CA ASN C 20 0.95 -11.73 -5.88
C ASN C 20 0.49 -11.53 -4.45
N TYR C 21 1.35 -11.03 -3.57
CA TYR C 21 1.01 -10.87 -2.17
C TYR C 21 1.07 -9.42 -1.70
N GLY C 22 1.31 -8.47 -2.60
CA GLY C 22 1.44 -7.09 -2.18
C GLY C 22 0.12 -6.46 -1.75
N LEU C 23 -0.99 -6.96 -2.29
CA LEU C 23 -2.31 -6.49 -1.90
C LEU C 23 -3.24 -7.66 -1.57
N TYR C 24 -2.69 -8.82 -1.26
CA TYR C 24 -3.48 -10.03 -1.07
C TYR C 24 -4.24 -9.98 0.25
N GLY C 25 -5.47 -10.53 0.23
CA GLY C 25 -6.23 -10.74 1.45
C GLY C 25 -6.41 -9.48 2.25
N CYS C 26 -6.40 -9.63 3.58
CA CYS C 26 -6.60 -8.52 4.49
C CYS C 26 -5.36 -8.20 5.31
N ASN C 27 -4.31 -9.01 5.22
CA ASN C 27 -3.07 -8.75 5.92
C ASN C 27 -1.84 -8.85 5.04
N CYS C 28 -1.97 -9.26 3.78
CA CYS C 28 -0.81 -9.44 2.92
C CYS C 28 -0.45 -8.13 2.24
N GLY C 29 0.82 -7.75 2.36
CA GLY C 29 1.32 -6.59 1.65
C GLY C 29 1.05 -5.30 2.41
N VAL C 30 0.89 -4.23 1.65
CA VAL C 30 0.69 -2.92 2.26
C VAL C 30 -0.66 -2.89 2.99
N GLY C 31 -0.79 -1.93 3.89
CA GLY C 31 -2.00 -1.77 4.66
C GLY C 31 -1.85 -2.30 6.07
N ARG C 32 -2.98 -2.39 6.75
CA ARG C 32 -3.01 -2.86 8.12
C ARG C 32 -3.37 -4.34 8.19
N ARG C 33 -4.04 -4.74 9.25
CA ARG C 33 -4.42 -6.10 9.54
C ARG C 33 -5.94 -6.23 9.45
N GLY C 34 -6.39 -7.49 9.34
CA GLY C 34 -7.79 -7.81 9.35
C GLY C 34 -7.91 -9.28 9.66
N LYS C 35 -9.14 -9.74 9.82
CA LYS C 35 -9.35 -11.18 9.98
C LYS C 35 -8.99 -11.88 8.68
N PRO C 36 -8.06 -12.85 8.71
CA PRO C 36 -7.59 -13.46 7.46
C PRO C 36 -8.68 -14.22 6.72
N LYS C 37 -8.53 -14.28 5.40
CA LYS C 37 -9.45 -14.99 4.52
C LYS C 37 -9.07 -16.45 4.33
N ASP C 38 -7.78 -16.74 4.27
CA ASP C 38 -7.29 -18.09 4.02
C ASP C 38 -5.92 -18.23 4.66
N ALA C 39 -5.31 -19.39 4.47
CA ALA C 39 -4.03 -19.66 5.12
C ALA C 39 -2.92 -18.79 4.54
N THR C 40 -3.07 -18.35 3.30
CA THR C 40 -2.12 -17.41 2.73
C THR C 40 -2.19 -16.08 3.47
N ASP C 41 -3.39 -15.52 3.61
CA ASP C 41 -3.55 -14.27 4.34
C ASP C 41 -3.22 -14.43 5.82
N SER C 42 -3.45 -15.63 6.37
CA SER C 42 -3.18 -15.86 7.79
C SER C 42 -1.69 -15.75 8.09
N CYS C 43 -0.84 -16.10 7.15
CA CYS C 43 0.60 -16.01 7.42
C CYS C 43 1.14 -14.60 7.25
N CYS C 44 0.46 -13.77 6.47
CA CYS C 44 0.79 -12.35 6.51
C CYS C 44 0.37 -11.73 7.84
N TYR C 45 -0.69 -12.28 8.47
CA TYR C 45 -1.09 -11.86 9.80
C TYR C 45 -0.01 -12.14 10.83
N VAL C 46 0.59 -13.34 10.79
CA VAL C 46 1.64 -13.69 11.73
C VAL C 46 2.85 -12.80 11.52
N HIS C 47 3.11 -12.44 10.26
CA HIS C 47 4.27 -11.62 9.93
C HIS C 47 4.19 -10.26 10.61
N LYS C 48 3.04 -9.58 10.49
CA LYS C 48 2.88 -8.25 11.04
C LYS C 48 2.91 -8.26 12.57
N CYS C 49 2.47 -9.36 13.19
CA CYS C 49 2.44 -9.41 14.64
C CYS C 49 3.78 -9.79 15.22
N CYS C 50 4.56 -10.62 14.52
CA CYS C 50 5.96 -10.76 14.87
C CYS C 50 6.73 -9.50 14.52
N TYR C 51 6.24 -8.74 13.53
CA TYR C 51 6.84 -7.45 13.21
C TYR C 51 6.62 -6.44 14.33
N LYS C 52 5.54 -6.61 15.10
CA LYS C 52 5.30 -5.73 16.23
C LYS C 52 6.23 -6.03 17.39
N LYS C 53 6.87 -7.20 17.37
CA LYS C 53 7.81 -7.59 18.41
C LYS C 53 9.22 -7.10 18.11
N VAL C 54 9.37 -6.23 17.15
CA VAL C 54 10.65 -5.59 16.89
C VAL C 54 10.67 -4.28 17.66
N THR C 55 11.86 -3.89 18.09
CA THR C 55 12.00 -2.71 18.93
C THR C 55 12.98 -1.70 18.34
N GLY C 56 14.14 -2.15 17.87
CA GLY C 56 15.20 -1.22 17.52
C GLY C 56 15.78 -1.39 16.13
N CYS C 57 14.99 -0.97 15.14
CA CYS C 57 15.26 -1.15 13.72
C CYS C 57 14.08 -0.55 12.95
N ASN C 58 14.14 -0.52 11.63
CA ASN C 58 12.95 -0.23 10.82
C ASN C 58 12.77 -1.39 9.85
N PRO C 59 11.87 -2.32 10.17
CA PRO C 59 11.75 -3.55 9.36
C PRO C 59 11.46 -3.31 7.90
N LYS C 60 10.70 -2.26 7.56
CA LYS C 60 10.42 -2.04 6.15
C LYS C 60 11.61 -1.45 5.40
N MET C 61 12.54 -0.79 6.10
CA MET C 61 13.64 -0.11 5.42
C MET C 61 15.03 -0.56 5.85
N ASP C 62 15.24 -0.93 7.10
CA ASP C 62 16.58 -1.30 7.53
C ASP C 62 16.98 -2.60 6.86
N SER C 63 18.11 -2.58 6.17
CA SER C 63 18.57 -3.80 5.52
C SER C 63 19.24 -4.70 6.55
N TYR C 64 19.28 -5.99 6.22
CA TYR C 64 19.94 -6.95 7.09
C TYR C 64 20.84 -7.84 6.24
N SER C 65 21.51 -8.77 6.92
CA SER C 65 22.45 -9.67 6.29
C SER C 65 21.87 -11.07 6.29
N TYR C 66 21.90 -11.72 5.13
CA TYR C 66 21.39 -13.07 4.96
C TYR C 66 21.91 -13.55 3.62
N SER C 67 21.81 -14.87 3.41
CA SER C 67 22.29 -15.46 2.17
C SER C 67 21.35 -16.57 1.73
N TRP C 68 21.57 -17.04 0.50
CA TRP C 68 20.70 -18.01 -0.17
C TRP C 68 21.47 -19.32 -0.26
N LYS C 69 21.22 -20.21 0.71
CA LYS C 69 22.02 -21.42 0.87
C LYS C 69 21.47 -22.52 -0.02
N ASN C 70 21.71 -23.78 0.35
CA ASN C 70 21.25 -24.95 -0.41
C ASN C 70 19.72 -25.02 -0.29
N LYS C 71 19.06 -24.22 -1.11
CA LYS C 71 17.60 -24.00 -1.10
C LYS C 71 17.06 -23.82 0.32
N ALA C 72 17.91 -23.37 1.24
CA ALA C 72 17.58 -23.17 2.64
C ALA C 72 17.97 -21.77 3.07
N ILE C 73 17.08 -21.10 3.79
CA ILE C 73 17.33 -19.74 4.27
C ILE C 73 18.17 -19.82 5.54
N VAL C 74 19.37 -19.23 5.49
CA VAL C 74 20.18 -19.11 6.69
C VAL C 74 20.38 -17.62 6.94
N CYS C 75 19.55 -17.09 7.82
CA CYS C 75 19.79 -15.79 8.42
C CYS C 75 20.74 -15.83 9.60
N GLY C 76 20.99 -17.03 10.14
CA GLY C 76 21.54 -17.18 11.47
C GLY C 76 22.99 -16.81 11.69
N GLU C 77 23.65 -16.21 10.72
CA GLU C 77 24.96 -15.65 10.96
C GLU C 77 24.81 -14.24 11.52
N LYS C 78 25.74 -13.87 12.40
CA LYS C 78 25.54 -12.86 13.45
C LYS C 78 24.92 -11.56 12.96
N ASN C 79 23.75 -11.26 13.52
CA ASN C 79 22.93 -10.08 13.32
C ASN C 79 22.49 -9.49 14.65
N PRO C 80 22.34 -8.17 14.73
CA PRO C 80 21.76 -7.55 15.93
C PRO C 80 20.35 -8.06 16.17
N PRO C 81 19.85 -8.00 17.42
CA PRO C 81 18.62 -8.71 17.80
C PRO C 81 17.43 -8.53 16.86
N CYS C 82 16.99 -7.30 16.61
CA CYS C 82 15.91 -7.09 15.65
C CYS C 82 16.27 -7.63 14.29
N LEU C 83 17.36 -7.12 13.71
CA LEU C 83 17.74 -7.51 12.35
C LEU C 83 17.84 -9.03 12.21
N LYS C 84 18.17 -9.72 13.31
CA LYS C 84 17.98 -11.16 13.33
C LYS C 84 16.51 -11.49 13.19
N GLN C 85 15.66 -10.83 14.00
CA GLN C 85 14.27 -11.25 14.13
C GLN C 85 13.47 -10.90 12.89
N VAL C 86 13.60 -9.66 12.40
CA VAL C 86 12.87 -9.26 11.20
C VAL C 86 13.14 -10.22 10.05
N CYS C 87 14.39 -10.65 9.89
CA CYS C 87 14.71 -11.58 8.82
C CYS C 87 14.16 -12.97 9.13
N GLU C 88 14.30 -13.41 10.39
CA GLU C 88 13.64 -14.65 10.79
C GLU C 88 12.13 -14.49 10.67
N CYS C 89 11.60 -13.30 10.96
CA CYS C 89 10.21 -13.01 10.65
C CYS C 89 9.95 -13.14 9.16
N ASP C 90 10.81 -12.53 8.35
CA ASP C 90 10.65 -12.61 6.90
C ASP C 90 10.85 -14.02 6.39
N LYS C 91 11.87 -14.72 6.89
CA LYS C 91 12.06 -16.10 6.46
C LYS C 91 10.90 -16.97 6.94
N ALA C 92 10.44 -16.77 8.16
CA ALA C 92 9.30 -17.53 8.66
C ALA C 92 8.08 -17.31 7.78
N VAL C 93 7.85 -16.06 7.35
CA VAL C 93 6.72 -15.83 6.45
C VAL C 93 7.05 -16.30 5.04
N ALA C 94 8.33 -16.35 4.67
CA ALA C 94 8.70 -16.92 3.38
C ALA C 94 8.45 -18.42 3.37
N ILE C 95 8.67 -19.07 4.52
CA ILE C 95 8.52 -20.51 4.60
C ILE C 95 7.04 -20.88 4.50
N CYS C 96 6.19 -20.19 5.25
CA CYS C 96 4.77 -20.53 5.29
C CYS C 96 4.08 -20.29 3.95
N LEU C 97 4.47 -19.24 3.22
CA LEU C 97 3.82 -18.94 1.96
C LEU C 97 3.88 -20.13 1.00
N ARG C 98 5.00 -20.85 1.00
CA ARG C 98 5.10 -22.06 0.21
C ARG C 98 4.30 -23.20 0.82
N GLU C 99 4.07 -23.18 2.14
CA GLU C 99 3.27 -24.24 2.75
C GLU C 99 1.82 -24.19 2.30
N ASN C 100 1.32 -23.03 1.92
CA ASN C 100 -0.07 -22.89 1.52
C ASN C 100 -0.21 -22.34 0.10
N LEU C 101 0.78 -22.58 -0.75
CA LEU C 101 0.70 -22.14 -2.14
C LEU C 101 -0.48 -22.80 -2.83
N GLY C 102 -0.79 -24.05 -2.47
CA GLY C 102 -1.98 -24.71 -2.98
C GLY C 102 -3.28 -24.08 -2.53
N THR C 103 -3.24 -23.24 -1.50
CA THR C 103 -4.42 -22.54 -1.02
C THR C 103 -4.55 -21.15 -1.65
N TYR C 104 -3.43 -20.59 -2.11
CA TYR C 104 -3.42 -19.22 -2.63
C TYR C 104 -4.52 -19.00 -3.67
N ASN C 105 -5.28 -17.94 -3.47
CA ASN C 105 -6.41 -17.60 -4.33
C ASN C 105 -6.01 -16.53 -5.34
N LYS C 106 -6.33 -16.77 -6.61
CA LYS C 106 -6.07 -15.78 -7.64
C LYS C 106 -7.10 -14.66 -7.64
N LYS C 107 -8.26 -14.86 -7.03
CA LYS C 107 -9.23 -13.80 -6.90
C LYS C 107 -8.94 -12.89 -5.73
N TYR C 108 -8.20 -13.37 -4.74
CA TYR C 108 -7.84 -12.58 -3.57
C TYR C 108 -6.57 -11.78 -3.78
N THR C 109 -5.97 -11.86 -4.97
CA THR C 109 -4.65 -11.26 -5.18
C THR C 109 -4.70 -9.74 -4.99
N ILE C 110 -5.80 -9.12 -5.38
CA ILE C 110 -6.07 -7.70 -5.11
C ILE C 110 -7.35 -7.65 -4.29
N TYR C 111 -7.22 -7.37 -3.00
CA TYR C 111 -8.38 -7.52 -2.14
C TYR C 111 -8.79 -6.18 -1.51
N PRO C 112 -10.09 -5.92 -1.38
CA PRO C 112 -10.52 -4.68 -0.71
C PRO C 112 -10.20 -4.71 0.77
N LYS C 113 -9.05 -4.16 1.15
CA LYS C 113 -8.65 -4.22 2.56
C LYS C 113 -9.63 -3.53 3.50
N PRO C 114 -10.23 -2.38 3.18
CA PRO C 114 -11.13 -1.73 4.16
C PRO C 114 -12.37 -2.53 4.55
N PHE C 115 -12.85 -3.43 3.69
CA PHE C 115 -14.10 -4.14 4.00
C PHE C 115 -13.89 -5.31 4.94
N CYS C 116 -12.66 -5.58 5.34
CA CYS C 116 -12.37 -6.71 6.20
C CYS C 116 -12.63 -6.35 7.66
N LYS C 117 -13.04 -7.35 8.43
CA LYS C 117 -13.29 -7.14 9.84
C LYS C 117 -11.98 -6.85 10.57
N LYS C 118 -12.06 -6.02 11.60
CA LYS C 118 -10.88 -5.55 12.30
C LYS C 118 -10.18 -6.70 13.01
N ALA C 119 -8.86 -6.78 12.85
CA ALA C 119 -8.11 -7.89 13.38
C ALA C 119 -8.08 -7.85 14.90
N ASP C 120 -7.95 -9.02 15.50
CA ASP C 120 -7.91 -9.13 16.95
C ASP C 120 -6.57 -8.59 17.45
N THR C 121 -6.31 -8.81 18.74
CA THR C 121 -5.03 -8.48 19.33
C THR C 121 -4.18 -9.73 19.34
N CYS C 122 -2.91 -9.60 18.93
CA CYS C 122 -2.00 -10.73 18.95
C CYS C 122 -1.43 -10.94 20.34
N SER D 1 -43.13 -8.25 -10.94
CA SER D 1 -41.90 -7.70 -11.51
C SER D 1 -40.96 -7.16 -10.42
N LEU D 2 -39.77 -6.72 -10.84
CA LEU D 2 -38.73 -6.35 -9.89
C LEU D 2 -39.11 -5.13 -9.05
N VAL D 3 -39.91 -4.23 -9.61
CA VAL D 3 -40.40 -3.10 -8.83
C VAL D 3 -41.37 -3.56 -7.74
N GLN D 4 -42.22 -4.54 -8.06
CA GLN D 4 -43.11 -5.10 -7.05
C GLN D 4 -42.31 -5.68 -5.89
N LEU D 5 -41.23 -6.39 -6.22
CA LEU D 5 -40.35 -6.94 -5.19
C LEU D 5 -39.72 -5.84 -4.35
N TRP D 6 -39.29 -4.75 -5.00
CA TRP D 6 -38.69 -3.63 -4.27
C TRP D 6 -39.70 -3.00 -3.32
N LYS D 7 -40.90 -2.73 -3.82
CA LYS D 7 -41.98 -2.23 -2.97
C LYS D 7 -42.24 -3.19 -1.82
N MET D 8 -42.48 -4.47 -2.15
CA MET D 8 -42.78 -5.45 -1.11
C MET D 8 -41.74 -5.43 -0.01
N ILE D 9 -40.47 -5.30 -0.38
CA ILE D 9 -39.42 -5.17 0.62
C ILE D 9 -39.65 -3.93 1.47
N PHE D 10 -39.98 -2.81 0.83
CA PHE D 10 -40.21 -1.58 1.59
C PHE D 10 -41.40 -1.73 2.53
N GLN D 11 -42.44 -2.45 2.10
CA GLN D 11 -43.63 -2.52 2.95
C GLN D 11 -43.34 -3.31 4.22
N GLU D 12 -42.38 -4.21 4.17
CA GLU D 12 -41.99 -5.00 5.32
C GLU D 12 -40.73 -4.49 6.01
N THR D 13 -39.88 -3.77 5.29
CA THR D 13 -38.66 -3.23 5.86
C THR D 13 -38.65 -1.70 5.95
N GLY D 14 -39.41 -1.01 5.10
CA GLY D 14 -39.45 0.43 5.15
C GLY D 14 -38.24 1.14 4.61
N LYS D 15 -37.28 0.42 4.05
CA LYS D 15 -36.08 1.02 3.48
C LYS D 15 -36.11 0.92 1.96
N GLU D 16 -35.53 1.92 1.30
CA GLU D 16 -35.47 1.90 -0.16
C GLU D 16 -34.73 0.66 -0.62
N ALA D 17 -35.46 -0.21 -1.33
CA ALA D 17 -34.95 -1.55 -1.63
C ALA D 17 -33.67 -1.48 -2.45
N ALA D 18 -33.73 -0.82 -3.60
CA ALA D 18 -32.54 -0.67 -4.43
C ALA D 18 -31.44 0.08 -3.69
N LYS D 19 -31.81 1.04 -2.84
CA LYS D 19 -30.80 1.75 -2.06
C LYS D 19 -30.15 0.85 -1.02
N ASN D 20 -30.93 0.00 -0.35
CA ASN D 20 -30.43 -0.71 0.82
C ASN D 20 -29.99 -2.14 0.55
N TYR D 21 -30.65 -2.87 -0.35
CA TYR D 21 -30.31 -4.26 -0.59
C TYR D 21 -29.88 -4.55 -2.02
N GLY D 22 -29.73 -3.53 -2.86
CA GLY D 22 -29.41 -3.76 -4.26
C GLY D 22 -28.01 -4.29 -4.48
N LEU D 23 -27.09 -3.97 -3.58
CA LEU D 23 -25.72 -4.49 -3.65
C LEU D 23 -25.33 -5.10 -2.32
N TYR D 24 -26.32 -5.47 -1.50
CA TYR D 24 -26.03 -5.95 -0.17
C TYR D 24 -25.44 -7.35 -0.22
N GLY D 25 -24.46 -7.60 0.63
CA GLY D 25 -23.92 -8.93 0.81
C GLY D 25 -23.46 -9.54 -0.50
N CYS D 26 -23.65 -10.85 -0.61
CA CYS D 26 -23.21 -11.58 -1.80
C CYS D 26 -24.35 -12.19 -2.59
N ASN D 27 -25.59 -12.08 -2.12
CA ASN D 27 -26.74 -12.55 -2.86
C ASN D 27 -27.85 -11.52 -2.96
N CYS D 28 -27.75 -10.39 -2.27
CA CYS D 28 -28.80 -9.40 -2.29
C CYS D 28 -28.60 -8.46 -3.45
N GLY D 29 -29.65 -8.32 -4.26
CA GLY D 29 -29.64 -7.39 -5.36
C GLY D 29 -29.04 -7.94 -6.63
N VAL D 30 -28.47 -7.07 -7.43
CA VAL D 30 -27.95 -7.48 -8.73
C VAL D 30 -26.77 -8.41 -8.55
N GLY D 31 -26.46 -9.13 -9.61
CA GLY D 31 -25.36 -10.06 -9.59
C GLY D 31 -25.82 -11.48 -9.44
N ARG D 32 -24.85 -12.32 -9.13
CA ARG D 32 -25.10 -13.73 -8.94
C ARG D 32 -25.41 -13.90 -7.45
N ARG D 33 -25.10 -15.09 -6.94
CA ARG D 33 -25.28 -15.63 -5.61
C ARG D 33 -23.90 -15.77 -4.99
N GLY D 34 -23.84 -16.05 -3.71
CA GLY D 34 -22.58 -16.23 -3.01
C GLY D 34 -22.83 -17.00 -1.73
N LYS D 35 -21.74 -17.34 -1.07
CA LYS D 35 -21.87 -17.91 0.27
C LYS D 35 -22.36 -16.76 1.12
N PRO D 36 -23.51 -16.89 1.80
CA PRO D 36 -24.10 -15.73 2.47
C PRO D 36 -23.21 -15.15 3.56
N LYS D 37 -23.34 -13.83 3.76
CA LYS D 37 -22.59 -13.08 4.75
C LYS D 37 -23.27 -13.04 6.11
N ASP D 38 -24.58 -12.92 6.09
CA ASP D 38 -25.39 -12.76 7.27
C ASP D 38 -26.77 -13.30 6.96
N ALA D 39 -27.70 -13.14 7.89
CA ALA D 39 -29.04 -13.65 7.67
C ALA D 39 -29.76 -12.89 6.57
N THR D 40 -29.42 -11.62 6.36
CA THR D 40 -30.00 -10.85 5.28
C THR D 40 -29.56 -11.40 3.92
N ASP D 41 -28.25 -11.57 3.73
CA ASP D 41 -27.76 -12.11 2.47
C ASP D 41 -28.20 -13.56 2.29
N SER D 42 -28.41 -14.27 3.40
CA SER D 42 -28.85 -15.65 3.34
C SER D 42 -30.24 -15.78 2.73
N CYS D 43 -31.10 -14.79 2.95
CA CYS D 43 -32.45 -14.86 2.39
C CYS D 43 -32.49 -14.40 0.94
N CYS D 44 -31.57 -13.52 0.54
CA CYS D 44 -31.42 -13.26 -0.88
C CYS D 44 -30.88 -14.49 -1.59
N TYR D 45 -30.09 -15.30 -0.87
CA TYR D 45 -29.70 -16.60 -1.36
C TYR D 45 -30.92 -17.49 -1.57
N VAL D 46 -31.81 -17.52 -0.58
CA VAL D 46 -33.01 -18.36 -0.70
C VAL D 46 -33.90 -17.82 -1.81
N HIS D 47 -33.97 -16.50 -1.96
CA HIS D 47 -34.84 -15.91 -2.97
C HIS D 47 -34.41 -16.30 -4.37
N LYS D 48 -33.11 -16.19 -4.65
CA LYS D 48 -32.64 -16.46 -6.01
C LYS D 48 -32.84 -17.92 -6.38
N CYS D 49 -32.84 -18.81 -5.41
CA CYS D 49 -32.92 -20.24 -5.70
C CYS D 49 -34.35 -20.71 -5.89
N CYS D 50 -35.31 -20.07 -5.22
CA CYS D 50 -36.70 -20.31 -5.58
C CYS D 50 -37.02 -19.74 -6.96
N TYR D 51 -36.29 -18.70 -7.36
CA TYR D 51 -36.49 -18.10 -8.67
C TYR D 51 -36.09 -19.02 -9.82
N LYS D 52 -35.18 -19.97 -9.57
CA LYS D 52 -34.81 -20.89 -10.64
C LYS D 52 -35.88 -21.93 -10.92
N LYS D 53 -36.85 -22.12 -10.02
CA LYS D 53 -37.94 -23.06 -10.25
C LYS D 53 -39.15 -22.41 -10.92
N VAL D 54 -39.00 -21.22 -11.46
CA VAL D 54 -40.09 -20.65 -12.25
C VAL D 54 -39.86 -21.11 -13.68
N THR D 55 -40.93 -21.27 -14.42
CA THR D 55 -40.87 -21.98 -15.68
C THR D 55 -41.35 -21.20 -16.88
N GLY D 56 -42.47 -20.48 -16.78
CA GLY D 56 -43.04 -19.84 -17.95
C GLY D 56 -43.33 -18.37 -17.74
N CYS D 57 -42.26 -17.57 -17.71
CA CYS D 57 -42.34 -16.17 -17.28
C CYS D 57 -40.97 -15.53 -17.33
N ASN D 58 -40.90 -14.22 -17.09
CA ASN D 58 -39.64 -13.52 -16.81
C ASN D 58 -39.81 -12.78 -15.50
N PRO D 59 -39.32 -13.34 -14.39
CA PRO D 59 -39.63 -12.74 -13.07
C PRO D 59 -39.17 -11.30 -12.90
N LYS D 60 -38.04 -10.90 -13.53
CA LYS D 60 -37.56 -9.53 -13.40
C LYS D 60 -38.40 -8.54 -14.21
N MET D 61 -39.16 -9.05 -15.18
CA MET D 61 -40.10 -8.17 -15.92
C MET D 61 -41.55 -8.61 -15.78
N ASP D 62 -41.86 -9.90 -15.76
CA ASP D 62 -43.27 -10.23 -15.79
C ASP D 62 -43.92 -9.73 -14.51
N SER D 63 -44.91 -8.86 -14.67
CA SER D 63 -45.65 -8.35 -13.54
C SER D 63 -46.74 -9.34 -13.16
N TYR D 64 -47.21 -9.24 -11.92
CA TYR D 64 -48.29 -10.09 -11.43
C TYR D 64 -49.31 -9.24 -10.68
N SER D 65 -50.32 -9.90 -10.14
CA SER D 65 -51.42 -9.26 -9.42
C SER D 65 -51.28 -9.59 -7.94
N TYR D 66 -51.38 -8.55 -7.11
CA TYR D 66 -51.25 -8.72 -5.67
C TYR D 66 -51.74 -7.45 -4.99
N SER D 67 -51.99 -7.55 -3.70
CA SER D 67 -52.47 -6.43 -2.92
C SER D 67 -51.83 -6.44 -1.54
N TRP D 68 -52.00 -5.33 -0.84
CA TRP D 68 -51.37 -5.07 0.46
C TRP D 68 -52.49 -4.99 1.49
N LYS D 69 -52.74 -6.10 2.19
CA LYS D 69 -53.90 -6.22 3.07
C LYS D 69 -53.61 -5.61 4.43
N ASN D 70 -54.26 -6.11 5.48
CA ASN D 70 -54.07 -5.61 6.82
C ASN D 70 -52.63 -5.87 7.26
N LYS D 71 -51.71 -5.04 6.77
CA LYS D 71 -50.27 -5.22 6.91
C LYS D 71 -49.87 -6.66 6.59
N ALA D 72 -50.68 -7.35 5.81
CA ALA D 72 -50.45 -8.73 5.45
C ALA D 72 -50.48 -8.81 3.93
N ILE D 73 -49.48 -9.46 3.36
CA ILE D 73 -49.41 -9.59 1.91
C ILE D 73 -50.27 -10.76 1.49
N VAL D 74 -51.26 -10.50 0.64
CA VAL D 74 -52.12 -11.54 0.09
C VAL D 74 -51.84 -11.60 -1.41
N CYS D 75 -51.00 -12.55 -1.78
CA CYS D 75 -50.85 -12.97 -3.16
C CYS D 75 -51.95 -13.93 -3.60
N GLY D 76 -52.72 -14.45 -2.66
CA GLY D 76 -53.52 -15.65 -2.87
C GLY D 76 -54.71 -15.54 -3.80
N GLU D 77 -54.82 -14.43 -4.52
CA GLU D 77 -55.80 -14.38 -5.61
C GLU D 77 -55.21 -15.03 -6.85
N LYS D 78 -56.07 -15.67 -7.62
CA LYS D 78 -55.62 -16.60 -8.65
C LYS D 78 -54.62 -15.93 -9.60
N ASN D 79 -53.41 -16.45 -9.60
CA ASN D 79 -52.31 -16.06 -10.48
C ASN D 79 -51.80 -17.33 -11.13
N PRO D 80 -51.33 -17.25 -12.38
CA PRO D 80 -50.81 -18.44 -13.02
C PRO D 80 -49.66 -19.02 -12.22
N PRO D 81 -49.40 -20.34 -12.37
CA PRO D 81 -48.47 -21.02 -11.45
C PRO D 81 -47.16 -20.29 -11.22
N CYS D 82 -46.42 -19.97 -12.27
CA CYS D 82 -45.20 -19.17 -12.11
C CYS D 82 -45.53 -17.84 -11.44
N LEU D 83 -46.38 -17.04 -12.07
CA LEU D 83 -46.68 -15.71 -11.56
C LEU D 83 -47.20 -15.75 -10.13
N LYS D 84 -47.86 -16.84 -9.75
CA LYS D 84 -48.16 -17.05 -8.34
C LYS D 84 -46.88 -17.23 -7.53
N GLN D 85 -45.99 -18.09 -8.00
CA GLN D 85 -44.82 -18.44 -7.20
C GLN D 85 -43.82 -17.30 -7.13
N VAL D 86 -43.55 -16.65 -8.27
CA VAL D 86 -42.64 -15.50 -8.27
C VAL D 86 -43.04 -14.53 -7.19
N CYS D 87 -44.34 -14.29 -7.04
CA CYS D 87 -44.81 -13.39 -6.01
C CYS D 87 -44.64 -13.98 -4.62
N GLU D 88 -44.97 -15.28 -4.46
CA GLU D 88 -44.69 -15.95 -3.20
C GLU D 88 -43.20 -15.98 -2.90
N CYS D 89 -42.38 -16.11 -3.94
CA CYS D 89 -40.94 -16.02 -3.77
C CYS D 89 -40.56 -14.68 -3.18
N ASP D 90 -41.06 -13.60 -3.79
CA ASP D 90 -40.75 -12.27 -3.30
C ASP D 90 -41.37 -12.01 -1.93
N LYS D 91 -42.62 -12.43 -1.74
CA LYS D 91 -43.25 -12.22 -0.44
C LYS D 91 -42.50 -12.99 0.63
N ALA D 92 -42.08 -14.22 0.34
CA ALA D 92 -41.26 -14.96 1.29
C ALA D 92 -39.97 -14.20 1.58
N VAL D 93 -39.34 -13.62 0.55
CA VAL D 93 -38.14 -12.85 0.80
C VAL D 93 -38.49 -11.48 1.38
N ALA D 94 -39.70 -10.96 1.10
CA ALA D 94 -40.12 -9.73 1.75
C ALA D 94 -40.34 -9.97 3.24
N ILE D 95 -40.87 -11.14 3.59
CA ILE D 95 -41.14 -11.45 4.99
C ILE D 95 -39.84 -11.65 5.75
N CYS D 96 -38.91 -12.41 5.17
CA CYS D 96 -37.67 -12.69 5.89
C CYS D 96 -36.87 -11.42 6.14
N LEU D 97 -36.90 -10.49 5.17
CA LEU D 97 -36.15 -9.25 5.32
C LEU D 97 -36.54 -8.50 6.59
N ARG D 98 -37.82 -8.56 6.99
CA ARG D 98 -38.22 -7.93 8.25
C ARG D 98 -37.74 -8.71 9.46
N GLU D 99 -37.64 -10.04 9.35
CA GLU D 99 -37.27 -10.87 10.48
C GLU D 99 -35.80 -10.72 10.87
N ASN D 100 -34.94 -10.28 9.95
CA ASN D 100 -33.52 -10.12 10.23
C ASN D 100 -33.09 -8.68 10.02
N LEU D 101 -34.02 -7.73 10.15
CA LEU D 101 -33.67 -6.32 10.00
C LEU D 101 -32.70 -5.88 11.08
N GLY D 102 -32.82 -6.42 12.29
CA GLY D 102 -31.87 -6.10 13.35
C GLY D 102 -30.46 -6.62 13.12
N THR D 103 -30.29 -7.59 12.23
CA THR D 103 -28.95 -8.09 11.91
C THR D 103 -28.35 -7.38 10.71
N TYR D 104 -29.17 -6.70 9.91
CA TYR D 104 -28.72 -6.04 8.69
C TYR D 104 -27.46 -5.22 8.96
N ASN D 105 -26.45 -5.46 8.13
CA ASN D 105 -25.15 -4.82 8.28
C ASN D 105 -25.08 -3.59 7.38
N LYS D 106 -24.67 -2.46 7.96
CA LYS D 106 -24.51 -1.24 7.17
C LYS D 106 -23.23 -1.24 6.34
N LYS D 107 -22.25 -2.08 6.70
CA LYS D 107 -21.03 -2.17 5.90
C LYS D 107 -21.21 -3.06 4.68
N TYR D 108 -22.21 -3.94 4.69
CA TYR D 108 -22.45 -4.84 3.57
C TYR D 108 -23.42 -4.25 2.54
N THR D 109 -23.91 -3.03 2.73
CA THR D 109 -24.99 -2.53 1.88
C THR D 109 -24.56 -2.40 0.43
N ILE D 110 -23.30 -2.02 0.19
CA ILE D 110 -22.69 -2.07 -1.13
C ILE D 110 -21.52 -3.03 -0.99
N TYR D 111 -21.67 -4.23 -1.52
CA TYR D 111 -20.68 -5.22 -1.19
C TYR D 111 -19.94 -5.68 -2.43
N PRO D 112 -18.61 -5.89 -2.33
CA PRO D 112 -17.86 -6.37 -3.49
C PRO D 112 -18.24 -7.79 -3.85
N LYS D 113 -19.19 -7.92 -4.78
CA LYS D 113 -19.68 -9.24 -5.17
C LYS D 113 -18.63 -10.16 -5.76
N PRO D 114 -17.66 -9.71 -6.58
CA PRO D 114 -16.70 -10.68 -7.14
C PRO D 114 -15.88 -11.40 -6.08
N PHE D 115 -15.73 -10.81 -4.90
CA PHE D 115 -14.84 -11.33 -3.88
C PHE D 115 -15.44 -12.41 -2.98
N CYS D 116 -16.70 -12.77 -3.13
CA CYS D 116 -17.25 -13.88 -2.36
C CYS D 116 -17.04 -15.22 -3.05
N LYS D 117 -16.96 -16.27 -2.23
CA LYS D 117 -16.83 -17.62 -2.75
C LYS D 117 -18.11 -18.03 -3.47
N LYS D 118 -17.92 -18.86 -4.50
CA LYS D 118 -19.04 -19.29 -5.33
C LYS D 118 -19.95 -20.21 -4.51
N ALA D 119 -21.24 -19.93 -4.52
CA ALA D 119 -22.17 -20.72 -3.75
C ALA D 119 -22.40 -22.09 -4.39
N ASP D 120 -22.88 -23.02 -3.57
CA ASP D 120 -23.18 -24.39 -3.98
C ASP D 120 -24.37 -24.40 -4.95
N THR D 121 -24.88 -25.60 -5.21
CA THR D 121 -26.08 -25.78 -6.01
C THR D 121 -27.29 -25.86 -5.10
N CYS D 122 -28.35 -25.17 -5.46
CA CYS D 122 -29.60 -25.26 -4.73
C CYS D 122 -30.40 -26.49 -5.15
S SO4 E . 32.31 10.87 0.82
O1 SO4 E . 31.42 10.97 -0.34
O2 SO4 E . 33.63 11.33 0.43
O3 SO4 E . 32.40 9.47 1.25
O4 SO4 E . 31.80 11.70 1.91
S SO4 F . 22.84 8.56 -7.86
O1 SO4 F . 24.07 9.25 -7.49
O2 SO4 F . 22.14 9.33 -8.89
O3 SO4 F . 21.97 8.44 -6.69
O4 SO4 F . 23.16 7.24 -8.37
S SO4 G . 3.58 -15.21 -11.40
O1 SO4 G . 5.00 -15.52 -11.53
O2 SO4 G . 3.26 -14.06 -12.24
O3 SO4 G . 3.27 -14.90 -10.01
O4 SO4 G . 2.77 -16.36 -11.84
#